data_6HUX
#
_entry.id   6HUX
#
_cell.length_a   124.281
_cell.length_b   124.281
_cell.length_c   150.086
_cell.angle_alpha   90.00
_cell.angle_beta   90.00
_cell.angle_gamma   120.00
#
_symmetry.space_group_name_H-M   'H 3 2'
#
loop_
_entity.id
_entity.type
_entity.pdbx_description
1 polymer 'H(2)-forming methylenetetrahydromethanopterin dehydrogenase-related protein MJ1338'
2 non-polymer 'ACETATE ION'
3 non-polymer 'iron-guanylyl pyridinol cofactor'
4 non-polymer 'SODIUM ION'
5 non-polymer 1-{4-[(6S,6aR,7R)-3-amino-6,7-dimethyl-1-oxo-1,2,5,6,6a,7-hexahydro-8H-imidazo[1,5-f]pteridin-10-ium-8-yl]phenyl}-1-deoxy-5-O-{5-O-[(S)-{[(1S)-1,3-dicarboxypropyl]oxy}(hydroxy)phosphoryl]-alpha-D-ribofuranosyl}-D-ribitol
6 non-polymer 'MAGNESIUM ION'
7 non-polymer 'SULFATE ION'
8 non-polymer 1,2-ETHANEDIOL
9 non-polymer 'CHLORIDE ION'
10 water water
#
_entity_poly.entity_id   1
_entity_poly.type   'polypeptide(L)'
_entity_poly.pdbx_seq_one_letter_code
;MRNIRKIKVDNMKVSVYGAGNQNLYINKLNLPEKFGGEPPYGGSRMAIEFAEAGHDVVLAEPNKNIMSDDLWKKVEDAGV
KVVSDDVEAAKHGEIHVLFTPFGKATFRIAKTIIEHVPENAVICNTCTVSPVVLYYSLEPILRTKRKDVGISSMHPAAVP
GTPQHGHYVIGGKTTDGKELATEEQIKKAVELAKSAGKEAYVVPADVSSVVADMGSLVTAVALSGVLDYYTVGRKIINAP
KKMIEQQVIMTLQTMASLVETSGIEGMVKALNPELLIRSASSMKLLDRQKDLDAALEILQNLDETLKAEVEKAEIKPTTL
VAAQSLVKEIKTLIGGAAAEGAIKRSARKLFEHADPNSSSVDKLAAALEHHHHHH
;
_entity_poly.pdbx_strand_id   A
#
# COMPACT_ATOMS: atom_id res chain seq x y z
N ASN A 3 -8.94 -27.68 11.22
CA ASN A 3 -9.13 -26.82 10.06
C ASN A 3 -10.61 -26.45 9.88
N ILE A 4 -11.46 -27.40 9.44
CA ILE A 4 -12.90 -27.15 9.26
C ILE A 4 -13.52 -27.01 10.64
N ARG A 5 -13.10 -27.85 11.61
CA ARG A 5 -13.62 -27.82 12.98
C ARG A 5 -13.20 -26.51 13.65
N LYS A 6 -11.98 -26.05 13.37
CA LYS A 6 -11.44 -24.80 13.91
C LYS A 6 -12.21 -23.61 13.32
N ILE A 7 -12.51 -23.66 11.99
CA ILE A 7 -13.25 -22.60 11.30
C ILE A 7 -14.62 -22.37 11.92
N LYS A 8 -15.30 -23.43 12.38
CA LYS A 8 -16.63 -23.33 12.98
C LYS A 8 -16.59 -22.49 14.26
N VAL A 9 -15.57 -22.69 15.10
CA VAL A 9 -15.41 -21.95 16.33
C VAL A 9 -15.08 -20.49 16.02
N ASP A 10 -14.19 -20.25 15.02
CA ASP A 10 -13.77 -18.89 14.65
C ASP A 10 -14.52 -18.30 13.44
N ASN A 11 -15.61 -18.93 12.97
CA ASN A 11 -16.37 -18.38 11.86
C ASN A 11 -16.88 -17.02 12.31
N MET A 12 -16.69 -15.98 11.48
CA MET A 12 -17.09 -14.65 11.89
C MET A 12 -17.79 -13.87 10.80
N LYS A 13 -18.35 -12.71 11.17
CA LYS A 13 -19.04 -11.83 10.25
C LYS A 13 -17.97 -10.96 9.56
N VAL A 14 -18.07 -10.82 8.23
CA VAL A 14 -17.09 -10.05 7.46
C VAL A 14 -17.80 -9.07 6.56
N SER A 15 -17.27 -7.87 6.45
CA SER A 15 -17.86 -6.85 5.57
C SER A 15 -16.78 -6.38 4.60
N VAL A 16 -17.04 -6.46 3.33
CA VAL A 16 -16.10 -6.00 2.32
C VAL A 16 -16.75 -4.79 1.70
N TYR A 17 -16.00 -3.71 1.52
CA TYR A 17 -16.51 -2.49 0.91
C TYR A 17 -15.86 -2.27 -0.40
N GLY A 18 -16.62 -2.34 -1.48
CA GLY A 18 -16.09 -2.14 -2.84
C GLY A 18 -16.00 -3.43 -3.61
N ALA A 19 -16.72 -3.52 -4.76
CA ALA A 19 -16.75 -4.75 -5.53
C ALA A 19 -15.52 -4.93 -6.40
N GLY A 20 -14.85 -3.83 -6.68
CA GLY A 20 -13.67 -3.84 -7.54
C GLY A 20 -14.09 -3.38 -8.93
N ASN A 21 -13.24 -2.56 -9.54
CA ASN A 21 -13.49 -2.05 -10.89
C ASN A 21 -13.18 -3.17 -11.89
N GLN A 22 -14.21 -3.89 -12.29
CA GLN A 22 -14.04 -5.03 -13.18
C GLN A 22 -13.57 -4.65 -14.56
N ASN A 23 -13.93 -3.45 -15.02
CA ASN A 23 -13.49 -3.05 -16.34
C ASN A 23 -11.99 -2.93 -16.33
N LEU A 24 -11.44 -2.40 -15.25
CA LEU A 24 -10.00 -2.26 -15.10
C LEU A 24 -9.33 -3.64 -15.19
N TYR A 25 -9.78 -4.59 -14.37
CA TYR A 25 -9.23 -5.95 -14.31
C TYR A 25 -9.38 -6.74 -15.59
N ILE A 26 -10.58 -6.72 -16.19
CA ILE A 26 -10.85 -7.51 -17.39
C ILE A 26 -10.42 -6.84 -18.67
N ASN A 27 -10.71 -5.55 -18.85
CA ASN A 27 -10.39 -4.89 -20.11
C ASN A 27 -9.09 -4.12 -20.16
N LYS A 28 -8.84 -3.18 -19.25
CA LYS A 28 -7.60 -2.40 -19.30
C LYS A 28 -6.39 -3.28 -19.00
N LEU A 29 -6.47 -4.13 -17.97
CA LEU A 29 -5.36 -5.01 -17.62
C LEU A 29 -5.45 -6.37 -18.28
N ASN A 30 -6.64 -6.79 -18.72
CA ASN A 30 -6.83 -8.10 -19.36
C ASN A 30 -6.22 -9.20 -18.51
N LEU A 31 -6.56 -9.24 -17.22
CA LEU A 31 -5.98 -10.24 -16.32
C LEU A 31 -6.31 -11.70 -16.65
N PRO A 32 -7.51 -12.04 -17.14
CA PRO A 32 -7.79 -13.45 -17.44
C PRO A 32 -6.78 -14.08 -18.40
N GLU A 33 -6.34 -13.32 -19.40
CA GLU A 33 -5.38 -13.77 -20.39
C GLU A 33 -3.95 -13.50 -19.95
N LYS A 34 -3.68 -12.36 -19.33
CA LYS A 34 -2.33 -12.01 -18.91
C LYS A 34 -1.85 -12.75 -17.65
N PHE A 35 -2.69 -12.86 -16.62
CA PHE A 35 -2.29 -13.51 -15.36
C PHE A 35 -3.00 -14.84 -15.10
N GLY A 36 -4.30 -14.87 -15.33
CA GLY A 36 -5.12 -16.06 -15.13
C GLY A 36 -6.36 -15.78 -14.29
N GLY A 37 -7.09 -16.85 -13.99
CA GLY A 37 -8.33 -16.79 -13.22
C GLY A 37 -9.52 -16.37 -14.05
N GLU A 38 -10.65 -16.07 -13.38
CA GLU A 38 -11.87 -15.65 -14.05
C GLU A 38 -12.54 -14.56 -13.24
N PRO A 39 -13.18 -13.58 -13.91
CA PRO A 39 -13.85 -12.52 -13.15
C PRO A 39 -15.00 -13.09 -12.30
N PRO A 40 -15.40 -12.36 -11.27
CA PRO A 40 -14.87 -11.07 -10.84
C PRO A 40 -13.53 -11.16 -10.10
N TYR A 41 -12.87 -10.02 -9.99
CA TYR A 41 -11.62 -9.87 -9.27
C TYR A 41 -11.82 -8.78 -8.23
N GLY A 42 -10.83 -8.62 -7.36
CA GLY A 42 -10.84 -7.60 -6.33
C GLY A 42 -11.70 -7.88 -5.11
N GLY A 43 -12.32 -6.81 -4.59
CA GLY A 43 -13.15 -6.89 -3.40
C GLY A 43 -14.24 -7.96 -3.46
N SER A 44 -15.01 -7.98 -4.55
CA SER A 44 -16.09 -8.96 -4.69
C SER A 44 -15.52 -10.37 -4.68
N ARG A 45 -14.31 -10.54 -5.21
CA ARG A 45 -13.63 -11.83 -5.22
C ARG A 45 -13.21 -12.17 -3.79
N MET A 46 -12.65 -11.21 -3.05
CA MET A 46 -12.28 -11.45 -1.66
C MET A 46 -13.53 -11.89 -0.89
N ALA A 47 -14.68 -11.25 -1.17
CA ALA A 47 -15.93 -11.60 -0.52
C ALA A 47 -16.32 -13.06 -0.86
N ILE A 48 -16.21 -13.44 -2.15
CA ILE A 48 -16.53 -14.81 -2.56
C ILE A 48 -15.66 -15.78 -1.75
N GLU A 49 -14.36 -15.59 -1.78
CA GLU A 49 -13.42 -16.44 -1.05
C GLU A 49 -13.74 -16.53 0.45
N PHE A 50 -14.12 -15.42 1.07
CA PHE A 50 -14.45 -15.45 2.48
C PHE A 50 -15.79 -16.18 2.70
N ALA A 51 -16.75 -16.04 1.79
CA ALA A 51 -18.03 -16.74 1.93
C ALA A 51 -17.76 -18.23 1.68
N GLU A 52 -16.89 -18.55 0.71
CA GLU A 52 -16.53 -19.93 0.39
C GLU A 52 -15.88 -20.58 1.60
N ALA A 53 -15.20 -19.80 2.43
CA ALA A 53 -14.54 -20.29 3.63
C ALA A 53 -15.54 -20.50 4.78
N GLY A 54 -16.79 -20.10 4.61
CA GLY A 54 -17.85 -20.30 5.60
C GLY A 54 -18.32 -19.09 6.39
N HIS A 55 -17.69 -17.91 6.17
CA HIS A 55 -18.05 -16.68 6.89
C HIS A 55 -19.30 -16.02 6.37
N ASP A 56 -19.96 -15.21 7.23
CA ASP A 56 -21.17 -14.48 6.86
C ASP A 56 -20.64 -13.18 6.26
N VAL A 57 -20.62 -13.11 4.93
CA VAL A 57 -20.06 -11.95 4.26
C VAL A 57 -21.10 -10.98 3.71
N VAL A 58 -20.85 -9.69 3.92
CA VAL A 58 -21.69 -8.65 3.36
C VAL A 58 -20.77 -7.86 2.47
N LEU A 59 -21.23 -7.52 1.26
CA LEU A 59 -20.43 -6.73 0.33
C LEU A 59 -21.19 -5.44 0.10
N ALA A 60 -20.60 -4.31 0.48
CA ALA A 60 -21.25 -3.02 0.30
C ALA A 60 -20.70 -2.38 -0.97
N GLU A 61 -21.58 -2.18 -1.96
CA GLU A 61 -21.23 -1.55 -3.24
C GLU A 61 -22.39 -0.63 -3.64
N PRO A 62 -22.21 0.70 -3.68
CA PRO A 62 -23.35 1.57 -4.07
C PRO A 62 -23.65 1.57 -5.57
N ASN A 63 -22.63 1.28 -6.38
CA ASN A 63 -22.78 1.29 -7.84
C ASN A 63 -22.99 -0.10 -8.45
N LYS A 64 -24.25 -0.42 -8.81
CA LYS A 64 -24.59 -1.72 -9.38
C LYS A 64 -24.03 -1.96 -10.80
N ASN A 65 -23.74 -0.90 -11.55
CA ASN A 65 -23.22 -1.02 -12.91
C ASN A 65 -21.72 -1.32 -12.99
N ILE A 66 -21.01 -1.40 -11.85
CA ILE A 66 -19.56 -1.66 -11.86
C ILE A 66 -19.22 -3.08 -12.29
N MET A 67 -20.23 -3.91 -12.40
CA MET A 67 -20.05 -5.31 -12.74
C MET A 67 -21.24 -5.77 -13.54
N SER A 68 -21.02 -6.71 -14.46
CA SER A 68 -22.14 -7.21 -15.24
C SER A 68 -23.01 -8.09 -14.33
N ASP A 69 -24.24 -8.32 -14.75
CA ASP A 69 -25.20 -9.11 -13.98
C ASP A 69 -24.72 -10.54 -13.75
N ASP A 70 -24.06 -11.14 -14.75
CA ASP A 70 -23.53 -12.50 -14.62
C ASP A 70 -22.47 -12.55 -13.50
N LEU A 71 -21.64 -11.52 -13.41
CA LEU A 71 -20.60 -11.46 -12.39
C LEU A 71 -21.22 -11.30 -11.00
N TRP A 72 -22.29 -10.51 -10.93
CA TRP A 72 -23.02 -10.31 -9.69
C TRP A 72 -23.61 -11.63 -9.21
N LYS A 73 -24.07 -12.48 -10.13
CA LYS A 73 -24.65 -13.78 -9.77
C LYS A 73 -23.59 -14.65 -9.16
N LYS A 74 -22.35 -14.58 -9.66
CA LYS A 74 -21.24 -15.36 -9.11
C LYS A 74 -21.07 -14.96 -7.65
N VAL A 75 -21.21 -13.67 -7.36
CA VAL A 75 -21.09 -13.15 -6.00
C VAL A 75 -22.25 -13.62 -5.12
N GLU A 76 -23.45 -13.52 -5.63
CA GLU A 76 -24.63 -13.94 -4.87
C GLU A 76 -24.66 -15.44 -4.66
N ASP A 77 -24.21 -16.23 -5.67
CA ASP A 77 -24.17 -17.69 -5.60
C ASP A 77 -23.19 -18.21 -4.55
N ALA A 78 -22.20 -17.39 -4.18
CA ALA A 78 -21.20 -17.73 -3.17
C ALA A 78 -21.78 -17.58 -1.75
N GLY A 79 -22.88 -16.83 -1.61
CA GLY A 79 -23.51 -16.62 -0.31
C GLY A 79 -23.20 -15.25 0.25
N VAL A 80 -22.70 -14.34 -0.59
CA VAL A 80 -22.37 -12.98 -0.16
C VAL A 80 -23.63 -12.11 -0.25
N LYS A 81 -23.99 -11.43 0.86
CA LYS A 81 -25.14 -10.53 0.84
C LYS A 81 -24.66 -9.15 0.34
N VAL A 82 -25.19 -8.71 -0.78
CA VAL A 82 -24.82 -7.44 -1.37
C VAL A 82 -25.74 -6.35 -0.85
N VAL A 83 -25.18 -5.19 -0.49
CA VAL A 83 -25.97 -4.05 -0.01
C VAL A 83 -25.42 -2.82 -0.71
N SER A 84 -26.17 -1.72 -0.69
CA SER A 84 -25.70 -0.49 -1.32
C SER A 84 -25.46 0.56 -0.24
N ASP A 85 -25.88 0.29 1.01
CA ASP A 85 -25.73 1.20 2.15
C ASP A 85 -24.55 0.74 3.02
N ASP A 86 -23.53 1.61 3.18
CA ASP A 86 -22.34 1.29 3.99
C ASP A 86 -22.71 1.06 5.46
N VAL A 87 -23.70 1.79 5.96
CA VAL A 87 -24.14 1.69 7.35
C VAL A 87 -24.65 0.28 7.68
N GLU A 88 -25.34 -0.36 6.73
CA GLU A 88 -25.87 -1.71 6.92
C GLU A 88 -24.70 -2.71 7.07
N ALA A 89 -23.62 -2.52 6.28
CA ALA A 89 -22.46 -3.39 6.35
C ALA A 89 -21.60 -3.06 7.58
N ALA A 90 -21.54 -1.80 8.00
CA ALA A 90 -20.77 -1.41 9.18
C ALA A 90 -21.31 -2.09 10.42
N LYS A 91 -22.62 -2.17 10.55
CA LYS A 91 -23.24 -2.79 11.72
C LYS A 91 -23.04 -4.30 11.73
N HIS A 92 -22.67 -4.91 10.59
CA HIS A 92 -22.51 -6.35 10.44
C HIS A 92 -21.17 -6.98 10.90
N GLY A 93 -20.12 -6.72 10.17
CA GLY A 93 -18.85 -7.37 10.49
C GLY A 93 -18.14 -7.01 11.78
N GLU A 94 -17.14 -7.84 12.11
CA GLU A 94 -16.22 -7.59 13.19
C GLU A 94 -14.89 -7.29 12.49
N ILE A 95 -14.86 -7.44 11.14
CA ILE A 95 -13.71 -7.13 10.32
C ILE A 95 -14.23 -6.45 9.05
N HIS A 96 -13.68 -5.27 8.77
CA HIS A 96 -14.15 -4.47 7.65
C HIS A 96 -13.02 -4.21 6.71
N VAL A 97 -13.11 -4.78 5.49
CA VAL A 97 -12.07 -4.61 4.48
C VAL A 97 -12.45 -3.54 3.49
N LEU A 98 -11.59 -2.52 3.40
CA LEU A 98 -11.78 -1.38 2.53
C LEU A 98 -11.20 -1.57 1.16
N PHE A 99 -12.01 -2.12 0.24
CA PHE A 99 -11.59 -2.27 -1.14
C PHE A 99 -12.21 -1.08 -1.86
N THR A 100 -11.95 0.12 -1.33
CA THR A 100 -12.56 1.37 -1.79
C THR A 100 -11.65 2.20 -2.69
N PRO A 101 -12.23 3.20 -3.37
CA PRO A 101 -11.41 4.01 -4.29
C PRO A 101 -10.33 4.88 -3.67
N PHE A 102 -9.33 5.25 -4.46
CA PHE A 102 -8.25 6.12 -4.01
C PHE A 102 -8.86 7.49 -3.68
N GLY A 103 -8.35 8.14 -2.66
CA GLY A 103 -8.82 9.46 -2.28
C GLY A 103 -9.88 9.52 -1.19
N LYS A 104 -10.68 10.57 -1.29
CA LYS A 104 -11.74 10.94 -0.36
C LYS A 104 -12.70 9.82 -0.02
N ALA A 105 -13.09 9.02 -1.01
CA ALA A 105 -14.05 7.94 -0.81
C ALA A 105 -13.61 6.97 0.32
N THR A 106 -12.35 6.53 0.32
CA THR A 106 -11.91 5.60 1.36
C THR A 106 -12.04 6.20 2.77
N PHE A 107 -11.69 7.49 2.94
CA PHE A 107 -11.76 8.12 4.26
C PHE A 107 -13.19 8.43 4.66
N ARG A 108 -14.02 8.77 3.69
CA ARG A 108 -15.43 9.07 3.94
C ARG A 108 -16.14 7.79 4.44
N ILE A 109 -15.95 6.66 3.75
CA ILE A 109 -16.55 5.37 4.12
C ILE A 109 -16.02 4.91 5.50
N ALA A 110 -14.71 5.04 5.74
CA ALA A 110 -14.11 4.66 7.02
C ALA A 110 -14.77 5.48 8.19
N LYS A 111 -15.03 6.78 7.97
CA LYS A 111 -15.67 7.63 8.98
C LYS A 111 -17.14 7.22 9.17
N THR A 112 -17.81 6.79 8.11
CA THR A 112 -19.20 6.39 8.21
C THR A 112 -19.34 5.10 8.98
N ILE A 113 -18.44 4.15 8.77
CA ILE A 113 -18.53 2.85 9.41
C ILE A 113 -18.06 2.87 10.85
N ILE A 114 -17.01 3.64 11.20
CA ILE A 114 -16.53 3.68 12.59
C ILE A 114 -17.65 4.11 13.56
N GLU A 115 -18.65 4.82 13.05
CA GLU A 115 -19.76 5.27 13.88
CA GLU A 115 -19.79 5.30 13.81
C GLU A 115 -20.72 4.13 14.19
N HIS A 116 -20.82 3.11 13.30
CA HIS A 116 -21.72 2.01 13.54
C HIS A 116 -21.04 0.66 13.70
N VAL A 117 -19.71 0.56 13.69
CA VAL A 117 -19.10 -0.77 13.82
C VAL A 117 -19.36 -1.40 15.18
N PRO A 118 -19.50 -2.73 15.27
CA PRO A 118 -19.67 -3.37 16.59
C PRO A 118 -18.40 -3.24 17.43
N GLU A 119 -18.52 -3.59 18.71
CA GLU A 119 -17.42 -3.50 19.67
C GLU A 119 -16.26 -4.39 19.23
N ASN A 120 -15.01 -3.87 19.34
CA ASN A 120 -13.75 -4.57 19.01
C ASN A 120 -13.56 -4.81 17.54
N ALA A 121 -14.38 -4.21 16.68
CA ALA A 121 -14.20 -4.42 15.25
C ALA A 121 -12.85 -3.91 14.76
N VAL A 122 -12.36 -4.42 13.63
CA VAL A 122 -11.09 -3.93 13.07
C VAL A 122 -11.38 -3.43 11.64
N ILE A 123 -10.81 -2.28 11.27
CA ILE A 123 -11.01 -1.71 9.94
C ILE A 123 -9.71 -1.92 9.16
N CYS A 124 -9.80 -2.66 8.04
CA CYS A 124 -8.64 -3.02 7.26
C CYS A 124 -8.58 -2.33 5.91
N ASN A 125 -7.42 -1.77 5.61
CA ASN A 125 -7.18 -1.13 4.33
C ASN A 125 -6.67 -2.17 3.31
N THR A 126 -6.66 -1.78 2.02
CA THR A 126 -6.10 -2.60 0.93
C THR A 126 -5.05 -1.71 0.29
N CYS A 127 -4.84 -1.78 -1.03
CA CYS A 127 -3.79 -0.96 -1.65
C CYS A 127 -4.15 0.52 -1.84
N THR A 128 -5.43 0.92 -1.73
CA THR A 128 -5.78 2.31 -2.01
C THR A 128 -5.48 3.29 -0.91
N VAL A 129 -5.11 2.80 0.27
CA VAL A 129 -4.76 3.70 1.39
C VAL A 129 -3.69 3.06 2.23
N SER A 130 -2.93 3.89 2.92
CA SER A 130 -1.90 3.41 3.84
C SER A 130 -2.57 3.23 5.21
N PRO A 131 -2.22 2.21 6.01
CA PRO A 131 -2.85 2.08 7.35
C PRO A 131 -2.56 3.28 8.27
N VAL A 132 -1.35 3.87 8.16
CA VAL A 132 -0.92 5.03 8.95
C VAL A 132 -1.84 6.22 8.64
N VAL A 133 -2.06 6.53 7.38
CA VAL A 133 -2.93 7.64 6.99
C VAL A 133 -4.39 7.31 7.38
N LEU A 134 -4.80 6.05 7.25
CA LEU A 134 -6.15 5.68 7.65
C LEU A 134 -6.31 5.92 9.17
N TYR A 135 -5.29 5.55 9.95
CA TYR A 135 -5.31 5.77 11.39
C TYR A 135 -5.35 7.26 11.69
N TYR A 136 -4.49 8.05 11.04
CA TYR A 136 -4.46 9.49 11.29
C TYR A 136 -5.83 10.12 11.05
N SER A 137 -6.55 9.71 9.99
CA SER A 137 -7.86 10.31 9.69
C SER A 137 -8.97 9.93 10.72
N LEU A 138 -8.88 8.76 11.37
CA LEU A 138 -9.88 8.35 12.36
C LEU A 138 -9.38 8.53 13.80
N GLU A 139 -8.12 8.98 13.98
CA GLU A 139 -7.45 9.12 15.27
C GLU A 139 -8.31 9.82 16.35
N PRO A 140 -8.92 11.00 16.05
CA PRO A 140 -9.74 11.66 17.09
C PRO A 140 -10.90 10.80 17.60
N ILE A 141 -11.52 9.99 16.73
CA ILE A 141 -12.62 9.11 17.14
C ILE A 141 -12.06 7.89 17.83
N LEU A 142 -10.99 7.31 17.28
CA LEU A 142 -10.36 6.13 17.86
C LEU A 142 -9.89 6.39 19.31
N ARG A 143 -9.31 7.57 19.55
CA ARG A 143 -8.80 7.93 20.86
C ARG A 143 -9.86 8.29 21.90
N THR A 144 -11.00 8.84 21.48
CA THR A 144 -12.03 9.26 22.42
C THR A 144 -13.30 8.42 22.44
N LYS A 145 -13.95 8.17 21.30
CA LYS A 145 -15.22 7.44 21.32
C LYS A 145 -15.07 5.95 21.14
N ARG A 146 -14.24 5.50 20.19
CA ARG A 146 -14.04 4.08 19.91
C ARG A 146 -12.60 3.60 20.18
N LYS A 147 -12.22 3.50 21.47
CA LYS A 147 -10.90 3.01 21.91
C LYS A 147 -10.75 1.51 21.61
N ASP A 148 -11.88 0.82 21.43
CA ASP A 148 -11.92 -0.61 21.12
C ASP A 148 -11.58 -0.91 19.65
N VAL A 149 -11.90 -0.01 18.72
CA VAL A 149 -11.66 -0.24 17.29
C VAL A 149 -10.18 -0.34 16.92
N GLY A 150 -9.84 -1.27 16.03
CA GLY A 150 -8.46 -1.46 15.60
C GLY A 150 -8.29 -1.17 14.14
N ILE A 151 -7.06 -0.80 13.75
CA ILE A 151 -6.72 -0.54 12.35
C ILE A 151 -5.64 -1.55 11.95
N SER A 152 -5.84 -2.18 10.82
CA SER A 152 -4.88 -3.14 10.28
C SER A 152 -5.05 -3.17 8.74
N SER A 153 -4.58 -4.23 8.10
CA SER A 153 -4.66 -4.38 6.64
C SER A 153 -5.10 -5.78 6.30
N MET A 154 -5.67 -5.93 5.12
CA MET A 154 -6.07 -7.21 4.53
C MET A 154 -5.69 -6.97 3.06
N HIS A 155 -4.44 -6.57 2.88
CA HIS A 155 -3.90 -6.18 1.60
C HIS A 155 -3.46 -7.39 0.79
N PRO A 156 -4.19 -7.66 -0.32
CA PRO A 156 -3.89 -8.85 -1.13
C PRO A 156 -2.51 -8.86 -1.80
N ALA A 157 -1.88 -7.67 -1.97
CA ALA A 157 -0.54 -7.54 -2.56
C ALA A 157 -0.54 -8.32 -3.85
N ALA A 158 -1.66 -8.22 -4.56
CA ALA A 158 -1.93 -8.93 -5.81
C ALA A 158 -3.38 -8.64 -6.10
N VAL A 159 -3.87 -9.11 -7.25
CA VAL A 159 -5.26 -8.91 -7.60
C VAL A 159 -6.03 -10.19 -7.19
N PRO A 160 -6.89 -10.11 -6.17
CA PRO A 160 -7.68 -11.30 -5.79
C PRO A 160 -8.40 -11.88 -7.01
N GLY A 161 -8.26 -13.19 -7.23
CA GLY A 161 -8.85 -13.87 -8.37
C GLY A 161 -7.79 -14.33 -9.35
N THR A 162 -6.53 -13.86 -9.18
CA THR A 162 -5.42 -14.29 -10.07
C THR A 162 -4.63 -15.34 -9.32
N PRO A 163 -3.97 -16.29 -10.00
CA PRO A 163 -3.20 -17.30 -9.25
C PRO A 163 -2.14 -16.67 -8.31
N GLN A 164 -1.68 -15.45 -8.65
CA GLN A 164 -0.68 -14.75 -7.86
C GLN A 164 -1.19 -14.39 -6.51
N HIS A 165 -2.50 -14.26 -6.33
CA HIS A 165 -3.01 -13.93 -5.01
C HIS A 165 -3.08 -15.19 -4.12
N GLY A 166 -2.02 -15.45 -3.37
CA GLY A 166 -1.99 -16.58 -2.47
C GLY A 166 -1.55 -16.13 -1.10
N HIS A 167 -1.72 -14.83 -0.81
CA HIS A 167 -1.23 -14.26 0.43
C HIS A 167 -1.95 -13.00 0.79
N TYR A 168 -1.72 -12.50 2.01
CA TYR A 168 -2.31 -11.25 2.51
C TYR A 168 -1.30 -10.60 3.40
N VAL A 169 -1.20 -9.29 3.31
CA VAL A 169 -0.28 -8.54 4.16
C VAL A 169 -1.18 -7.91 5.20
N ILE A 170 -0.88 -8.17 6.48
CA ILE A 170 -1.62 -7.67 7.63
C ILE A 170 -0.70 -6.75 8.39
N GLY A 171 -1.12 -5.51 8.53
CA GLY A 171 -0.31 -4.50 9.21
C GLY A 171 -0.30 -4.69 10.71
N GLY A 172 0.90 -4.82 11.27
CA GLY A 172 1.14 -4.99 12.70
C GLY A 172 1.79 -3.76 13.31
N LYS A 173 2.28 -3.88 14.56
CA LYS A 173 2.93 -2.77 15.24
C LYS A 173 3.94 -2.13 14.30
N THR A 174 3.95 -0.79 14.28
CA THR A 174 4.82 0.01 13.41
C THR A 174 6.27 -0.07 13.83
N THR A 175 7.16 0.38 12.93
CA THR A 175 8.60 0.38 13.19
C THR A 175 8.90 1.41 14.26
N ASP A 176 7.96 2.33 14.51
CA ASP A 176 8.13 3.33 15.56
C ASP A 176 7.53 2.81 16.88
N GLY A 177 7.20 1.52 16.95
CA GLY A 177 6.66 0.87 18.14
C GLY A 177 5.25 1.28 18.53
N LYS A 178 4.38 1.57 17.53
CA LYS A 178 2.99 1.98 17.78
C LYS A 178 2.00 0.89 17.42
N GLU A 179 1.06 0.60 18.34
CA GLU A 179 0.05 -0.42 18.09
C GLU A 179 -1.22 0.23 17.57
N LEU A 180 -1.59 -0.07 16.33
CA LEU A 180 -2.83 0.47 15.75
C LEU A 180 -3.99 -0.47 16.00
N ALA A 181 -3.70 -1.70 16.45
CA ALA A 181 -4.70 -2.73 16.72
C ALA A 181 -4.17 -3.65 17.81
N THR A 182 -5.08 -4.35 18.48
CA THR A 182 -4.69 -5.30 19.53
C THR A 182 -4.23 -6.59 18.87
N GLU A 183 -3.50 -7.43 19.61
CA GLU A 183 -3.01 -8.71 19.12
C GLU A 183 -4.18 -9.60 18.73
N GLU A 184 -5.25 -9.60 19.52
CA GLU A 184 -6.43 -10.39 19.25
C GLU A 184 -7.02 -9.98 17.89
N GLN A 185 -7.10 -8.67 17.62
CA GLN A 185 -7.64 -8.19 16.35
C GLN A 185 -6.73 -8.58 15.20
N ILE A 186 -5.40 -8.53 15.40
CA ILE A 186 -4.46 -8.90 14.36
C ILE A 186 -4.55 -10.40 14.15
N LYS A 187 -4.69 -11.16 15.22
CA LYS A 187 -4.81 -12.62 15.15
C LYS A 187 -6.07 -12.99 14.38
N LYS A 188 -7.16 -12.23 14.58
CA LYS A 188 -8.40 -12.46 13.86
C LYS A 188 -8.22 -12.15 12.38
N ALA A 189 -7.42 -11.13 12.05
CA ALA A 189 -7.16 -10.83 10.65
C ALA A 189 -6.38 -12.02 10.05
N VAL A 190 -5.39 -12.57 10.77
CA VAL A 190 -4.60 -13.73 10.33
C VAL A 190 -5.52 -14.93 10.13
N GLU A 191 -6.47 -15.13 11.07
CA GLU A 191 -7.41 -16.26 11.00
C GLU A 191 -8.23 -16.14 9.73
N LEU A 192 -8.75 -14.93 9.45
CA LEU A 192 -9.56 -14.71 8.24
C LEU A 192 -8.76 -15.04 6.98
N ALA A 193 -7.52 -14.55 6.90
CA ALA A 193 -6.64 -14.78 5.77
C ALA A 193 -6.40 -16.27 5.58
N LYS A 194 -5.87 -16.95 6.62
CA LYS A 194 -5.58 -18.38 6.55
C LYS A 194 -6.81 -19.24 6.25
N SER A 195 -8.00 -18.85 6.73
CA SER A 195 -9.22 -19.62 6.46
C SER A 195 -9.60 -19.61 4.96
N ALA A 196 -9.01 -18.72 4.16
CA ALA A 196 -9.29 -18.66 2.73
C ALA A 196 -8.12 -19.26 1.95
N GLY A 197 -7.28 -20.04 2.63
CA GLY A 197 -6.11 -20.68 2.04
C GLY A 197 -4.99 -19.73 1.68
N LYS A 198 -4.97 -18.52 2.27
CA LYS A 198 -3.94 -17.53 1.96
C LYS A 198 -2.88 -17.44 3.05
N GLU A 199 -1.59 -17.30 2.64
CA GLU A 199 -0.53 -17.17 3.62
C GLU A 199 -0.64 -15.80 4.29
N ALA A 200 -0.59 -15.75 5.63
CA ALA A 200 -0.72 -14.48 6.35
C ALA A 200 0.64 -13.88 6.67
N TYR A 201 0.89 -12.67 6.22
CA TYR A 201 2.14 -12.00 6.47
C TYR A 201 1.87 -10.77 7.32
N VAL A 202 2.31 -10.78 8.58
CA VAL A 202 2.13 -9.62 9.47
C VAL A 202 3.42 -8.80 9.35
N VAL A 203 3.30 -7.54 8.94
CA VAL A 203 4.46 -6.67 8.77
C VAL A 203 4.22 -5.34 9.48
N PRO A 204 5.25 -4.56 9.83
CA PRO A 204 4.98 -3.24 10.45
C PRO A 204 4.02 -2.43 9.56
N ALA A 205 2.94 -1.91 10.13
CA ALA A 205 1.90 -1.16 9.39
C ALA A 205 2.43 -0.06 8.46
N ASP A 206 3.40 0.71 8.91
CA ASP A 206 3.99 1.78 8.10
C ASP A 206 4.72 1.22 6.87
N VAL A 207 5.27 0.01 6.99
CA VAL A 207 6.03 -0.64 5.92
C VAL A 207 5.13 -1.45 4.93
N SER A 208 3.93 -1.88 5.38
CA SER A 208 3.00 -2.69 4.58
C SER A 208 2.80 -2.20 3.12
N SER A 209 2.64 -0.91 2.93
CA SER A 209 2.42 -0.39 1.60
C SER A 209 3.64 -0.61 0.74
N VAL A 210 4.83 -0.39 1.30
CA VAL A 210 6.10 -0.55 0.58
C VAL A 210 6.31 -1.98 0.03
N VAL A 211 5.74 -2.99 0.70
CA VAL A 211 5.93 -4.36 0.26
C VAL A 211 4.69 -4.93 -0.37
N ALA A 212 3.54 -4.27 -0.22
CA ALA A 212 2.27 -4.76 -0.75
C ALA A 212 1.79 -4.04 -2.04
N ASP A 213 2.04 -2.74 -2.17
CA ASP A 213 1.56 -1.95 -3.29
C ASP A 213 2.35 -2.23 -4.57
N MET A 214 1.92 -1.61 -5.68
CA MET A 214 2.58 -1.72 -6.98
C MET A 214 4.06 -1.28 -6.91
N GLY A 215 4.38 -0.38 -5.99
CA GLY A 215 5.75 0.09 -5.76
C GLY A 215 6.68 -1.01 -5.26
N SER A 216 6.12 -2.17 -4.78
CA SER A 216 6.89 -3.36 -4.35
C SER A 216 7.87 -3.75 -5.49
N LEU A 217 7.55 -3.38 -6.75
CA LEU A 217 8.41 -3.61 -7.90
C LEU A 217 9.75 -2.88 -7.65
N VAL A 218 9.70 -1.60 -7.32
CA VAL A 218 10.88 -0.80 -7.02
C VAL A 218 11.54 -1.34 -5.77
N THR A 219 10.77 -1.77 -4.77
CA THR A 219 11.37 -2.29 -3.53
C THR A 219 12.18 -3.57 -3.79
N ALA A 220 11.62 -4.48 -4.59
CA ALA A 220 12.29 -5.72 -4.91
C ALA A 220 13.60 -5.45 -5.67
N VAL A 221 13.54 -4.64 -6.73
CA VAL A 221 14.72 -4.36 -7.53
C VAL A 221 15.82 -3.71 -6.71
N ALA A 222 15.49 -2.62 -6.05
CA ALA A 222 16.41 -1.87 -5.22
C ALA A 222 16.98 -2.78 -4.11
N LEU A 223 16.16 -3.67 -3.53
CA LEU A 223 16.65 -4.54 -2.49
C LEU A 223 17.70 -5.49 -3.04
N SER A 224 17.46 -6.08 -4.21
CA SER A 224 18.47 -6.96 -4.79
C SER A 224 19.80 -6.20 -5.08
N GLY A 225 19.69 -4.92 -5.47
CA GLY A 225 20.87 -4.07 -5.72
C GLY A 225 21.63 -3.85 -4.43
N VAL A 226 20.90 -3.60 -3.33
CA VAL A 226 21.50 -3.42 -2.01
C VAL A 226 22.24 -4.69 -1.58
N LEU A 227 21.58 -5.85 -1.72
CA LEU A 227 22.18 -7.11 -1.32
C LEU A 227 23.36 -7.48 -2.21
N ASP A 228 23.29 -7.17 -3.51
CA ASP A 228 24.40 -7.42 -4.43
C ASP A 228 25.60 -6.58 -3.94
N TYR A 229 25.36 -5.29 -3.76
CA TYR A 229 26.40 -4.38 -3.29
C TYR A 229 26.94 -4.81 -1.90
N TYR A 230 26.06 -5.26 -1.00
CA TYR A 230 26.46 -5.70 0.33
C TYR A 230 27.41 -6.90 0.24
N THR A 231 27.08 -7.88 -0.59
CA THR A 231 27.93 -9.05 -0.75
C THR A 231 29.29 -8.69 -1.42
N VAL A 232 29.27 -7.85 -2.45
CA VAL A 232 30.49 -7.43 -3.15
C VAL A 232 31.35 -6.59 -2.21
N GLY A 233 30.70 -5.67 -1.50
CA GLY A 233 31.36 -4.79 -0.55
C GLY A 233 32.11 -5.56 0.51
N ARG A 234 31.47 -6.57 1.08
CA ARG A 234 32.13 -7.34 2.15
C ARG A 234 33.07 -8.42 1.62
N LYS A 235 32.69 -9.14 0.59
CA LYS A 235 33.55 -10.22 0.11
C LYS A 235 34.67 -9.79 -0.79
N ILE A 236 34.46 -8.86 -1.71
CA ILE A 236 35.55 -8.49 -2.62
C ILE A 236 36.27 -7.27 -2.13
N ILE A 237 35.54 -6.18 -1.84
CA ILE A 237 36.13 -4.92 -1.38
C ILE A 237 36.56 -5.04 0.08
N ASN A 238 35.86 -5.86 0.87
CA ASN A 238 36.12 -5.97 2.30
C ASN A 238 35.96 -4.61 2.96
N ALA A 239 34.96 -3.86 2.56
CA ALA A 239 34.67 -2.55 3.12
C ALA A 239 33.92 -2.77 4.43
N PRO A 240 34.14 -1.95 5.46
CA PRO A 240 33.40 -2.19 6.73
C PRO A 240 31.88 -2.03 6.53
N LYS A 241 31.09 -2.74 7.35
CA LYS A 241 29.63 -2.68 7.24
C LYS A 241 29.08 -1.26 7.35
N LYS A 242 29.64 -0.43 8.24
CA LYS A 242 29.17 0.94 8.40
C LYS A 242 29.39 1.75 7.13
N MET A 243 30.44 1.42 6.36
CA MET A 243 30.72 2.10 5.08
C MET A 243 29.72 1.66 4.02
N ILE A 244 29.42 0.36 3.98
CA ILE A 244 28.43 -0.17 3.05
C ILE A 244 27.08 0.46 3.39
N GLU A 245 26.71 0.49 4.67
CA GLU A 245 25.45 1.09 5.10
C GLU A 245 25.38 2.58 4.69
N GLN A 246 26.46 3.34 4.92
CA GLN A 246 26.51 4.76 4.59
C GLN A 246 26.21 4.97 3.09
N GLN A 247 26.82 4.17 2.24
CA GLN A 247 26.64 4.25 0.79
C GLN A 247 25.21 3.90 0.40
N VAL A 248 24.61 2.89 1.06
CA VAL A 248 23.25 2.47 0.73
C VAL A 248 22.26 3.59 1.08
N ILE A 249 22.39 4.14 2.28
CA ILE A 249 21.53 5.20 2.74
C ILE A 249 21.70 6.41 1.82
N MET A 250 22.95 6.82 1.61
CA MET A 250 23.23 8.00 0.78
C MET A 250 22.57 7.89 -0.60
N THR A 251 22.73 6.75 -1.27
CA THR A 251 22.16 6.59 -2.60
C THR A 251 20.63 6.57 -2.58
N LEU A 252 20.04 5.63 -1.82
CA LEU A 252 18.58 5.50 -1.76
C LEU A 252 17.89 6.82 -1.31
N GLN A 253 18.44 7.49 -0.30
CA GLN A 253 17.88 8.74 0.18
C GLN A 253 17.99 9.86 -0.84
N THR A 254 19.07 9.90 -1.61
CA THR A 254 19.26 10.96 -2.60
C THR A 254 18.25 10.81 -3.72
N MET A 255 18.05 9.57 -4.15
CA MET A 255 17.12 9.26 -5.22
C MET A 255 15.69 9.61 -4.80
N ALA A 256 15.26 9.22 -3.60
CA ALA A 256 13.91 9.55 -3.09
C ALA A 256 13.68 11.06 -3.06
N SER A 257 14.63 11.79 -2.52
CA SER A 257 14.52 13.25 -2.37
C SER A 257 14.54 13.98 -3.71
N LEU A 258 15.26 13.47 -4.71
CA LEU A 258 15.31 14.11 -6.01
C LEU A 258 13.92 13.95 -6.65
N VAL A 259 13.32 12.76 -6.50
CA VAL A 259 12.00 12.50 -7.04
C VAL A 259 10.99 13.38 -6.31
N GLU A 260 11.14 13.49 -4.98
CA GLU A 260 10.24 14.31 -4.16
C GLU A 260 10.17 15.76 -4.61
N THR A 261 11.31 16.37 -4.97
CA THR A 261 11.29 17.77 -5.40
C THR A 261 11.18 17.95 -6.89
N SER A 262 11.83 17.08 -7.66
CA SER A 262 11.92 17.21 -9.09
C SER A 262 11.29 16.12 -9.94
N GLY A 263 10.54 15.19 -9.36
CA GLY A 263 9.93 14.11 -10.12
C GLY A 263 10.95 13.12 -10.66
N ILE A 264 10.50 12.06 -11.35
CA ILE A 264 11.38 11.04 -11.93
C ILE A 264 12.33 11.66 -12.93
N GLU A 265 11.80 12.49 -13.83
CA GLU A 265 12.58 13.14 -14.90
C GLU A 265 13.72 14.00 -14.34
N GLY A 266 13.39 14.82 -13.35
CA GLY A 266 14.36 15.69 -12.69
C GLY A 266 15.42 14.89 -11.96
N MET A 267 15.00 13.76 -11.38
CA MET A 267 15.91 12.87 -10.66
C MET A 267 16.88 12.23 -11.64
N VAL A 268 16.39 11.86 -12.85
CA VAL A 268 17.23 11.27 -13.88
C VAL A 268 18.17 12.34 -14.43
N LYS A 269 17.74 13.60 -14.44
CA LYS A 269 18.58 14.69 -14.91
C LYS A 269 19.77 14.90 -13.97
N ALA A 270 19.55 14.73 -12.65
CA ALA A 270 20.58 14.90 -11.64
C ALA A 270 21.53 13.69 -11.64
N LEU A 271 20.99 12.46 -11.75
CA LEU A 271 21.81 11.23 -11.78
C LEU A 271 21.96 10.78 -13.23
N ASN A 272 23.01 11.19 -13.90
CA ASN A 272 23.21 10.86 -15.33
C ASN A 272 23.28 9.34 -15.62
N PRO A 273 22.28 8.79 -16.34
CA PRO A 273 22.30 7.34 -16.68
C PRO A 273 23.58 6.90 -17.42
N GLU A 274 24.05 7.70 -18.39
CA GLU A 274 25.28 7.43 -19.14
C GLU A 274 26.46 7.33 -18.16
N LEU A 275 26.57 8.30 -17.23
CA LEU A 275 27.65 8.28 -16.24
C LEU A 275 27.49 7.06 -15.33
N LEU A 276 26.27 6.80 -14.85
CA LEU A 276 26.00 5.64 -14.01
C LEU A 276 26.40 4.32 -14.65
N ILE A 277 26.23 4.20 -15.97
CA ILE A 277 26.60 2.97 -16.66
C ILE A 277 28.09 2.79 -16.54
N ARG A 278 28.83 3.84 -16.79
CA ARG A 278 30.29 3.80 -16.76
C ARG A 278 30.78 3.61 -15.34
N SER A 279 30.23 4.35 -14.42
CA SER A 279 30.62 4.28 -13.02
C SER A 279 30.31 2.88 -12.44
N ALA A 280 29.04 2.43 -12.54
CA ALA A 280 28.63 1.12 -11.99
C ALA A 280 29.36 -0.06 -12.63
N SER A 281 29.95 0.12 -13.81
CA SER A 281 30.69 -0.94 -14.49
C SER A 281 31.96 -1.34 -13.75
N SER A 282 32.47 -0.47 -12.89
CA SER A 282 33.67 -0.81 -12.14
C SER A 282 33.26 -1.53 -10.86
N MET A 283 31.97 -1.87 -10.72
CA MET A 283 31.47 -2.59 -9.59
C MET A 283 31.04 -4.01 -10.01
N LYS A 284 31.38 -4.41 -11.27
CA LYS A 284 31.11 -5.75 -11.79
C LYS A 284 32.30 -6.55 -11.30
N LEU A 285 32.28 -6.95 -10.02
CA LEU A 285 33.39 -7.66 -9.40
C LEU A 285 33.14 -9.15 -9.21
N LEU A 286 31.93 -9.62 -9.52
CA LEU A 286 31.59 -11.03 -9.35
C LEU A 286 31.17 -11.62 -10.67
N ASP A 287 31.25 -12.96 -10.76
CA ASP A 287 30.92 -13.71 -11.96
C ASP A 287 29.48 -13.49 -12.32
N ARG A 288 28.57 -13.52 -11.33
CA ARG A 288 27.15 -13.32 -11.60
C ARG A 288 26.60 -12.17 -10.79
N GLN A 289 26.16 -11.12 -11.49
CA GLN A 289 25.53 -9.93 -10.92
C GLN A 289 24.45 -9.61 -11.92
N LYS A 290 23.48 -10.54 -12.05
CA LYS A 290 22.38 -10.41 -13.00
C LYS A 290 21.56 -9.13 -12.85
N ASP A 291 21.44 -8.60 -11.61
CA ASP A 291 20.72 -7.37 -11.35
C ASP A 291 21.48 -6.14 -11.93
N LEU A 292 22.81 -6.12 -11.78
CA LEU A 292 23.62 -5.05 -12.30
C LEU A 292 23.63 -5.08 -13.83
N ASP A 293 23.80 -6.26 -14.43
CA ASP A 293 23.87 -6.40 -15.88
C ASP A 293 22.53 -6.02 -16.51
N ALA A 294 21.44 -6.38 -15.86
CA ALA A 294 20.11 -6.06 -16.37
C ALA A 294 19.89 -4.55 -16.30
N ALA A 295 20.35 -3.92 -15.22
CA ALA A 295 20.20 -2.48 -15.03
C ALA A 295 21.00 -1.69 -16.06
N LEU A 296 22.25 -2.09 -16.31
CA LEU A 296 23.10 -1.37 -17.26
C LEU A 296 22.53 -1.47 -18.67
N GLU A 297 21.97 -2.62 -19.06
CA GLU A 297 21.38 -2.69 -20.38
C GLU A 297 20.11 -1.87 -20.45
N ILE A 298 19.33 -1.83 -19.35
CA ILE A 298 18.11 -1.04 -19.34
C ILE A 298 18.47 0.46 -19.44
N LEU A 299 19.43 0.91 -18.64
CA LEU A 299 19.89 2.29 -18.69
C LEU A 299 20.44 2.60 -20.08
N GLN A 300 21.17 1.66 -20.67
CA GLN A 300 21.74 1.85 -21.99
C GLN A 300 20.67 1.96 -23.05
N ASN A 301 19.66 1.09 -23.00
CA ASN A 301 18.58 1.10 -23.97
C ASN A 301 17.72 2.35 -23.80
N LEU A 302 17.44 2.72 -22.56
CA LEU A 302 16.61 3.89 -22.30
C LEU A 302 17.37 5.20 -22.38
N ASP A 303 18.70 5.15 -22.39
CA ASP A 303 19.52 6.36 -22.39
C ASP A 303 19.25 7.34 -23.50
N GLU A 304 19.17 6.88 -24.75
CA GLU A 304 18.92 7.80 -25.87
C GLU A 304 17.58 8.52 -25.69
N THR A 305 16.53 7.76 -25.37
CA THR A 305 15.20 8.32 -25.17
C THR A 305 15.16 9.28 -23.97
N LEU A 306 15.84 8.94 -22.88
CA LEU A 306 15.84 9.77 -21.68
C LEU A 306 16.47 11.15 -21.90
N LYS A 307 17.66 11.21 -22.53
CA LYS A 307 18.36 12.46 -22.78
C LYS A 307 17.47 13.54 -23.39
N ALA A 308 16.46 13.16 -24.17
CA ALA A 308 15.54 14.11 -24.79
C ALA A 308 14.70 14.88 -23.77
N GLU A 309 13.98 14.18 -22.90
CA GLU A 309 13.09 14.81 -21.93
C GLU A 309 13.81 15.30 -20.70
N VAL A 310 14.94 14.71 -20.33
CA VAL A 310 15.63 15.17 -19.14
C VAL A 310 16.18 16.57 -19.32
N GLU A 311 16.67 16.94 -20.52
CA GLU A 311 17.16 18.32 -20.67
C GLU A 311 15.98 19.30 -20.61
N LYS A 312 14.74 18.79 -20.73
CA LYS A 312 13.53 19.60 -20.60
C LYS A 312 13.22 19.70 -19.10
N ALA A 313 13.57 18.66 -18.34
CA ALA A 313 13.33 18.60 -16.90
C ALA A 313 14.13 19.65 -16.15
N GLU A 314 13.74 19.85 -14.90
CA GLU A 314 14.38 20.81 -14.03
C GLU A 314 14.69 20.17 -12.69
N ILE A 315 15.87 20.48 -12.13
CA ILE A 315 16.23 19.97 -10.82
C ILE A 315 15.80 21.07 -9.86
N LYS A 316 14.66 20.89 -9.21
CA LYS A 316 14.12 21.86 -8.27
C LYS A 316 14.99 21.86 -7.01
N PRO A 317 15.04 22.99 -6.27
CA PRO A 317 15.85 23.04 -5.05
C PRO A 317 15.66 21.83 -4.14
N THR A 318 16.76 21.13 -3.84
CA THR A 318 16.76 19.92 -2.99
C THR A 318 17.80 20.09 -1.88
N THR A 319 17.42 19.78 -0.63
CA THR A 319 18.33 19.85 0.51
C THR A 319 18.54 18.42 0.97
N LEU A 320 19.59 17.78 0.45
CA LEU A 320 19.81 16.38 0.81
C LEU A 320 20.34 16.19 2.25
N VAL A 321 19.55 15.50 3.06
CA VAL A 321 19.82 15.21 4.46
C VAL A 321 19.43 13.77 4.78
N ALA A 322 19.95 13.21 5.89
CA ALA A 322 19.61 11.86 6.33
C ALA A 322 18.35 12.03 7.16
N ALA A 323 17.20 11.56 6.67
CA ALA A 323 15.89 11.73 7.31
C ALA A 323 15.81 11.41 8.82
N GLN A 324 16.21 10.21 9.24
CA GLN A 324 16.12 9.82 10.66
C GLN A 324 16.97 10.69 11.54
N SER A 325 18.13 11.07 11.05
CA SER A 325 19.02 11.96 11.78
C SER A 325 18.33 13.31 11.97
N LEU A 326 17.62 13.78 10.91
CA LEU A 326 16.91 15.05 10.97
C LEU A 326 15.68 14.96 11.87
N VAL A 327 15.05 13.77 11.96
CA VAL A 327 13.90 13.59 12.85
C VAL A 327 14.40 13.70 14.27
N LYS A 328 15.48 12.99 14.58
CA LYS A 328 16.08 12.99 15.91
C LYS A 328 16.45 14.42 16.37
N GLU A 329 16.93 15.25 15.44
CA GLU A 329 17.31 16.63 15.78
C GLU A 329 16.12 17.49 16.10
N ILE A 330 15.04 17.39 15.32
CA ILE A 330 13.85 18.20 15.62
C ILE A 330 13.25 17.77 16.97
N LYS A 331 13.32 16.48 17.31
CA LYS A 331 12.79 15.99 18.59
C LYS A 331 13.59 16.51 19.79
N THR A 332 14.84 16.98 19.60
CA THR A 332 15.65 17.53 20.71
C THR A 332 15.65 19.05 20.63
N LEU A 333 15.66 19.62 19.42
CA LEU A 333 15.64 21.07 19.24
C LEU A 333 14.28 21.62 19.62
N ILE A 334 13.21 20.97 19.15
CA ILE A 334 11.82 21.37 19.43
C ILE A 334 11.28 20.48 20.51
N GLY A 335 11.46 19.17 20.33
CA GLY A 335 11.06 18.15 21.29
C GLY A 335 9.64 17.62 21.33
N GLY A 336 8.71 18.46 21.74
CA GLY A 336 7.34 18.07 22.05
C GLY A 336 6.31 17.93 20.95
N ALA A 337 5.14 18.51 21.23
CA ALA A 337 3.98 18.49 20.35
C ALA A 337 4.26 19.11 19.00
N ALA A 338 5.06 20.20 18.95
CA ALA A 338 5.37 20.88 17.70
C ALA A 338 6.11 19.93 16.81
N ALA A 339 7.04 19.15 17.39
CA ALA A 339 7.80 18.14 16.65
C ALA A 339 6.89 17.04 16.16
N GLU A 340 5.94 16.61 17.00
CA GLU A 340 4.97 15.55 16.65
C GLU A 340 4.20 15.91 15.40
N GLY A 341 3.72 17.14 15.36
CA GLY A 341 2.93 17.64 14.24
C GLY A 341 3.71 17.70 12.97
N ALA A 342 4.95 18.18 13.02
CA ALA A 342 5.80 18.27 11.83
C ALA A 342 6.16 16.87 11.29
N ILE A 343 6.28 15.89 12.18
CA ILE A 343 6.61 14.52 11.82
C ILE A 343 5.38 13.85 11.23
N LYS A 344 4.23 13.96 11.92
CA LYS A 344 2.98 13.35 11.45
C LYS A 344 2.61 13.89 10.07
N ARG A 345 2.86 15.17 9.84
CA ARG A 345 2.57 15.73 8.54
C ARG A 345 3.56 15.19 7.47
N SER A 346 4.85 15.02 7.80
CA SER A 346 5.86 14.50 6.86
C SER A 346 5.65 13.02 6.61
N ALA A 347 5.12 12.31 7.61
CA ALA A 347 4.84 10.90 7.47
C ALA A 347 3.63 10.74 6.54
N ARG A 348 2.64 11.62 6.71
CA ARG A 348 1.44 11.61 5.87
C ARG A 348 1.79 11.96 4.42
N LYS A 349 2.67 12.93 4.22
CA LYS A 349 3.08 13.28 2.86
C LYS A 349 3.73 12.06 2.19
N LEU A 350 4.54 11.29 2.95
CA LEU A 350 5.22 10.10 2.42
C LEU A 350 4.25 8.96 2.05
N PHE A 351 3.27 8.69 2.94
CA PHE A 351 2.35 7.59 2.75
C PHE A 351 1.03 7.90 2.06
N GLU A 352 0.57 9.15 2.00
CA GLU A 352 -0.71 9.44 1.35
C GLU A 352 -0.69 9.02 -0.08
N HIS A 353 -1.67 8.18 -0.50
CA HIS A 353 -1.76 7.64 -1.86
C HIS A 353 -2.40 8.64 -2.82
N ALA A 354 -3.34 9.45 -2.34
CA ALA A 354 -3.99 10.44 -3.18
C ALA A 354 -3.90 11.79 -2.50
N ASP A 355 -3.98 12.86 -3.29
CA ASP A 355 -3.92 14.20 -2.72
C ASP A 355 -5.18 14.45 -1.88
N PRO A 356 -5.05 14.86 -0.61
CA PRO A 356 -6.24 15.09 0.23
C PRO A 356 -7.04 16.33 -0.17
N ASN A 357 -6.37 17.34 -0.74
CA ASN A 357 -7.02 18.60 -1.13
C ASN A 357 -7.88 18.45 -2.40
N SER A 358 -9.00 19.18 -2.44
CA SER A 358 -9.93 19.12 -3.57
C SER A 358 -9.30 19.71 -4.83
N SER A 359 -9.60 19.13 -5.99
CA SER A 359 -9.06 19.60 -7.26
C SER A 359 -9.68 20.96 -7.62
N SER A 360 -9.05 21.69 -8.55
CA SER A 360 -9.54 22.99 -8.98
C SER A 360 -10.92 22.88 -9.63
N VAL A 361 -11.15 21.80 -10.38
CA VAL A 361 -12.42 21.54 -11.06
C VAL A 361 -13.53 21.33 -10.02
N ASP A 362 -13.23 20.54 -8.97
CA ASP A 362 -14.20 20.26 -7.92
C ASP A 362 -14.69 21.58 -7.31
N LYS A 363 -13.76 22.50 -7.04
CA LYS A 363 -14.12 23.80 -6.46
C LYS A 363 -14.95 24.63 -7.45
N LEU A 364 -14.59 24.55 -8.74
CA LEU A 364 -15.29 25.28 -9.80
C LEU A 364 -16.67 24.67 -10.07
N ALA A 365 -16.78 23.34 -9.98
CA ALA A 365 -18.05 22.64 -10.19
C ALA A 365 -19.00 22.98 -9.05
N ALA A 366 -18.49 22.96 -7.81
CA ALA A 366 -19.30 23.29 -6.66
C ALA A 366 -19.82 24.71 -6.80
N ALA A 367 -18.97 25.65 -7.26
CA ALA A 367 -19.38 27.04 -7.44
C ALA A 367 -20.40 27.17 -8.58
N LEU A 368 -20.35 26.28 -9.57
CA LEU A 368 -21.30 26.30 -10.68
C LEU A 368 -22.68 25.90 -10.18
N GLU A 369 -22.73 24.90 -9.27
CA GLU A 369 -23.99 24.40 -8.69
C GLU A 369 -24.35 25.12 -7.38
N HIS A 370 -23.56 26.13 -6.98
CA HIS A 370 -23.81 26.90 -5.75
C HIS A 370 -25.24 27.42 -5.70
N HIS A 371 -25.69 28.10 -6.77
CA HIS A 371 -27.04 28.65 -6.82
C HIS A 371 -27.89 27.87 -7.76
#